data_4N5E
#
_entry.id   4N5E
#
_cell.length_a   101.570
_cell.length_b   101.570
_cell.length_c   327.130
_cell.angle_alpha   90.00
_cell.angle_beta   90.00
_cell.angle_gamma   120.00
#
_symmetry.space_group_name_H-M   'P 61 2 2'
#
loop_
_entity.id
_entity.type
_entity.pdbx_description
1 polymer '42F3 alpha VmCh'
2 polymer '42F3 beta VmCh'
3 polymer 'H-2 class I histocompatibility antigen, L-D alpha chain'
4 polymer pCPA12
#
loop_
_entity_poly.entity_id
_entity_poly.type
_entity_poly.pdbx_seq_one_letter_code
_entity_poly.pdbx_strand_id
1 'polypeptide(L)'
;GSHMAQSVTQPDARVTVSEGASLQLRCKYSYSATPYLFWYVQYPRQGLQMLLKYYSGDPVVQGVNGFEAEFSKSDSSFHL
RKASVHWSDSAVYFCAVSAKGTGSKLSFGKGAKLTVSPNIQNPDPAVYQLRDSKSSDKSVCLFTDFDSQTNVSQSKDSDV
YITDKCVLDMRSMDFKSNSAVAWSNKSDFACANAFNNSIIPEDTFFPSPESS
;
C
2 'polypeptide(L)'
;MGEAAVTQSPRNKVTVTGGNVTLSCRQTNSHNYMYWYRQDTGHGLRLIHYSYGAGNLQIGDVPDGYKATRTTQEDFFLLL
ELASPSQTSLYFCASSDAPGQLYFGEGSKLTVLEDLKNVFPPEVAVFEPSEAEISHTQKATLVCLATGFYPDHVELSWWV
NGKEVHSGVCTDPQPLKEQPALNDSRYALSSRLRVSATFWQNPRNHFRCQVQFYGLSENDEWTQDRAKPVTQIVSAEAWG
RAD
;
D
3 'polypeptide(L)'
;MGPHSMRYYETATSRRGLGEPRYTSVGYVDDKEFVRFDSDAENPRYEPQVPWMEQEGPEYWERITQIAKGQEQWFRVNLR
TLLGYYNQSAGGTHTLQWMYGCDVGSDGRLLRGYEQFAYDGCDYIALNEDLRTWTAADMAAQITRRKWEQAGAAEYYRAY
LEGECVEWLHRYLKNGNATL
;
A
4 'polypeptide(L)' VPYMAEFGM B
#
# COMPACT_ATOMS: atom_id res chain seq x y z
N ALA A 5 16.78 6.94 9.60
CA ALA A 5 16.74 7.98 10.64
C ALA A 5 15.33 8.54 10.79
N GLN A 6 14.67 8.78 9.65
CA GLN A 6 13.33 9.37 9.62
C GLN A 6 12.30 8.47 10.27
N SER A 7 11.36 9.07 11.02
CA SER A 7 10.33 8.32 11.72
C SER A 7 8.95 8.95 11.52
N VAL A 8 7.94 8.11 11.30
CA VAL A 8 6.58 8.60 11.07
C VAL A 8 5.64 8.03 12.14
N THR A 9 4.75 8.87 12.69
CA THR A 9 3.87 8.40 13.75
C THR A 9 2.37 8.65 13.50
N GLN A 10 1.59 7.58 13.54
CA GLN A 10 0.15 7.69 13.53
C GLN A 10 -0.37 7.23 14.89
N PRO A 11 -1.05 8.13 15.61
CA PRO A 11 -1.35 7.92 17.03
C PRO A 11 -2.42 6.86 17.27
N ASP A 12 -3.48 6.84 16.45
CA ASP A 12 -4.59 5.91 16.65
C ASP A 12 -4.59 4.79 15.61
N ALA A 13 -4.39 3.55 16.07
CA ALA A 13 -4.32 2.38 15.19
C ALA A 13 -5.68 2.01 14.59
N ARG A 14 -6.74 2.27 15.35
CA ARG A 14 -8.09 2.01 14.88
C ARG A 14 -9.03 3.17 15.17
N VAL A 15 -9.73 3.60 14.13
CA VAL A 15 -10.66 4.72 14.23
C VAL A 15 -12.03 4.31 13.68
N THR A 16 -13.09 4.57 14.46
CA THR A 16 -14.44 4.34 13.99
C THR A 16 -15.19 5.67 13.93
N VAL A 17 -15.83 5.93 12.79
CA VAL A 17 -16.62 7.16 12.64
C VAL A 17 -17.95 6.89 11.94
N SER A 18 -18.99 7.65 12.30
CA SER A 18 -20.29 7.50 11.66
C SER A 18 -20.23 7.96 10.22
N GLU A 19 -21.12 7.43 9.39
CA GLU A 19 -21.22 7.82 7.98
C GLU A 19 -21.71 9.26 7.90
N GLY A 20 -21.12 10.05 7.01
CA GLY A 20 -21.53 11.44 6.85
C GLY A 20 -20.90 12.39 7.86
N ALA A 21 -20.17 11.80 8.82
CA ALA A 21 -19.46 12.57 9.83
C ALA A 21 -18.08 13.07 9.35
N SER A 22 -17.47 13.91 10.18
CA SER A 22 -16.18 14.50 9.90
C SER A 22 -15.02 13.65 10.42
N LEU A 23 -14.00 13.46 9.60
CA LEU A 23 -12.87 12.59 9.91
C LEU A 23 -11.53 13.30 9.88
N GLN A 24 -10.67 12.95 10.85
CA GLN A 24 -9.27 13.36 10.83
C GLN A 24 -8.33 12.22 11.23
N LEU A 25 -7.43 11.84 10.33
CA LEU A 25 -6.38 10.87 10.65
C LEU A 25 -5.08 11.63 10.76
N ARG A 26 -4.30 11.36 11.80
CA ARG A 26 -3.11 12.18 12.09
C ARG A 26 -1.77 11.55 11.69
N CYS A 27 -0.88 12.40 11.20
CA CYS A 27 0.43 11.99 10.77
C CYS A 27 1.47 13.00 11.27
N LYS A 28 2.30 12.58 12.22
CA LYS A 28 3.47 13.37 12.67
C LYS A 28 4.74 12.65 12.32
N TYR A 29 5.73 13.40 11.86
CA TYR A 29 6.98 12.80 11.43
C TYR A 29 8.18 13.56 12.01
N SER A 30 9.32 12.88 12.04
CA SER A 30 10.58 13.47 12.49
C SER A 30 10.93 14.67 11.62
N TYR A 31 11.67 15.63 12.18
CA TYR A 31 12.03 16.86 11.46
C TYR A 31 12.71 16.60 10.12
N SER A 32 12.43 17.48 9.16
CA SER A 32 13.04 17.43 7.84
C SER A 32 12.97 18.81 7.20
N ALA A 33 14.09 19.31 6.70
CA ALA A 33 14.12 20.57 6.00
C ALA A 33 13.53 20.38 4.61
N THR A 34 13.49 19.12 4.19
CA THR A 34 13.00 18.74 2.88
C THR A 34 11.95 17.62 2.98
N PRO A 35 10.73 17.97 3.40
CA PRO A 35 9.72 16.93 3.57
C PRO A 35 8.89 16.65 2.31
N TYR A 36 8.87 15.39 1.91
CA TYR A 36 7.96 14.93 0.86
C TYR A 36 6.92 14.07 1.56
N LEU A 37 5.65 14.47 1.45
CA LEU A 37 4.62 13.87 2.29
C LEU A 37 3.54 13.21 1.45
N PHE A 38 3.06 12.06 1.91
CA PHE A 38 2.10 11.29 1.14
C PHE A 38 1.06 10.62 2.02
N TRP A 39 -0.12 10.46 1.44
CA TRP A 39 -1.16 9.61 2.02
C TRP A 39 -1.51 8.53 1.02
N TYR A 40 -1.40 7.28 1.47
CA TYR A 40 -1.83 6.10 0.74
C TYR A 40 -3.05 5.47 1.41
N VAL A 41 -3.97 4.96 0.60
CA VAL A 41 -5.13 4.25 1.11
C VAL A 41 -5.10 2.77 0.69
N GLN A 42 -5.47 1.89 1.59
CA GLN A 42 -5.54 0.46 1.27
C GLN A 42 -6.93 -0.10 1.61
N TYR A 43 -7.77 -0.23 0.60
CA TYR A 43 -9.09 -0.85 0.74
C TYR A 43 -8.88 -2.34 0.95
N PRO A 44 -9.82 -3.00 1.66
CA PRO A 44 -9.66 -4.42 2.01
C PRO A 44 -9.22 -5.29 0.85
N ARG A 45 -8.25 -6.17 1.09
CA ARG A 45 -7.84 -7.21 0.15
C ARG A 45 -7.23 -6.66 -1.15
N GLN A 46 -6.63 -5.49 -1.06
CA GLN A 46 -5.91 -4.87 -2.19
C GLN A 46 -4.56 -4.36 -1.69
N GLY A 47 -3.80 -3.78 -2.61
CA GLY A 47 -2.57 -3.11 -2.26
C GLY A 47 -2.85 -1.65 -1.91
N LEU A 48 -1.77 -0.90 -1.74
CA LEU A 48 -1.90 0.53 -1.45
C LEU A 48 -2.06 1.34 -2.72
N GLN A 49 -2.85 2.40 -2.62
CA GLN A 49 -2.97 3.38 -3.70
C GLN A 49 -2.62 4.74 -3.15
N MET A 50 -1.82 5.50 -3.89
CA MET A 50 -1.54 6.88 -3.52
C MET A 50 -2.83 7.70 -3.48
N LEU A 51 -3.07 8.39 -2.37
CA LEU A 51 -4.25 9.25 -2.24
C LEU A 51 -3.85 10.72 -2.44
N LEU A 52 -2.78 11.13 -1.75
CA LEU A 52 -2.38 12.55 -1.78
C LEU A 52 -0.86 12.69 -1.72
N LYS A 53 -0.36 13.75 -2.34
CA LYS A 53 1.08 14.03 -2.30
C LYS A 53 1.39 15.51 -2.12
N TYR A 54 2.52 15.79 -1.48
CA TYR A 54 3.00 17.14 -1.27
C TYR A 54 4.52 17.19 -1.37
N TYR A 55 5.01 18.06 -2.25
CA TYR A 55 6.44 18.34 -2.35
C TYR A 55 6.73 19.77 -1.93
N SER A 56 5.84 20.70 -2.30
CA SER A 56 6.01 22.13 -2.00
C SER A 56 4.78 22.99 -2.35
N GLY A 57 4.85 24.28 -2.00
CA GLY A 57 3.81 25.23 -2.34
C GLY A 57 2.70 25.33 -1.31
N ASP A 58 1.50 25.65 -1.79
CA ASP A 58 0.28 25.64 -0.99
C ASP A 58 0.25 24.35 -0.18
N PRO A 59 0.30 24.47 1.15
CA PRO A 59 0.37 23.33 2.06
C PRO A 59 -0.93 22.54 2.15
N VAL A 60 -2.01 23.07 1.57
CA VAL A 60 -3.27 22.33 1.57
C VAL A 60 -3.42 21.53 0.28
N VAL A 61 -3.04 20.26 0.33
CA VAL A 61 -3.21 19.38 -0.83
C VAL A 61 -4.64 18.87 -0.81
N GLN A 62 -5.36 19.13 -1.90
CA GLN A 62 -6.79 18.88 -1.95
C GLN A 62 -7.13 17.71 -2.89
N GLY A 63 -7.63 16.63 -2.32
CA GLY A 63 -8.06 15.49 -3.10
C GLY A 63 -9.39 15.72 -3.78
N VAL A 64 -9.69 14.89 -4.77
CA VAL A 64 -10.93 15.01 -5.54
C VAL A 64 -12.06 14.20 -4.88
N ASN A 65 -11.68 13.26 -4.02
CA ASN A 65 -12.66 12.43 -3.31
C ASN A 65 -13.15 13.04 -1.99
N GLY A 66 -12.94 14.35 -1.82
CA GLY A 66 -13.33 15.03 -0.60
C GLY A 66 -12.25 15.07 0.45
N PHE A 67 -11.28 14.16 0.33
CA PHE A 67 -10.14 14.15 1.23
C PHE A 67 -9.29 15.39 0.99
N GLU A 68 -8.57 15.82 2.01
CA GLU A 68 -7.50 16.79 1.82
C GLU A 68 -6.50 16.66 2.96
N ALA A 69 -5.22 16.75 2.66
CA ALA A 69 -4.22 16.75 3.73
C ALA A 69 -3.54 18.10 3.84
N GLU A 70 -3.12 18.45 5.05
CA GLU A 70 -2.44 19.73 5.25
C GLU A 70 -1.09 19.55 5.96
N PHE A 71 -0.06 20.11 5.32
CA PHE A 71 1.32 20.10 5.79
C PHE A 71 1.57 21.27 6.71
N SER A 72 2.06 20.97 7.91
CA SER A 72 2.35 22.01 8.88
C SER A 72 3.82 21.94 9.19
N LYS A 73 4.57 22.98 8.78
CA LYS A 73 6.01 23.06 9.04
C LYS A 73 6.26 23.27 10.53
N SER A 74 5.40 24.04 11.19
CA SER A 74 5.52 24.29 12.62
C SER A 74 5.23 23.05 13.45
N ASP A 75 4.05 22.46 13.26
CA ASP A 75 3.63 21.24 13.95
C ASP A 75 4.47 20.03 13.49
N SER A 76 5.09 20.18 12.32
CA SER A 76 5.80 19.08 11.64
C SER A 76 4.84 17.90 11.40
N SER A 77 3.73 18.21 10.73
CA SER A 77 2.69 17.22 10.49
C SER A 77 2.15 17.26 9.06
N PHE A 78 1.23 16.33 8.80
CA PHE A 78 0.57 16.20 7.52
C PHE A 78 -0.74 15.48 7.76
N HIS A 79 -1.72 16.20 8.29
CA HIS A 79 -2.95 15.55 8.74
C HIS A 79 -3.96 15.40 7.62
N LEU A 80 -4.71 14.30 7.66
CA LEU A 80 -5.71 13.99 6.63
C LEU A 80 -7.11 14.28 7.15
N ARG A 81 -7.87 15.09 6.42
CA ARG A 81 -9.23 15.45 6.82
C ARG A 81 -10.25 15.13 5.74
N LYS A 82 -11.45 14.76 6.16
CA LYS A 82 -12.59 14.71 5.26
C LYS A 82 -13.82 15.27 5.96
N ALA A 83 -14.52 16.19 5.30
CA ALA A 83 -15.64 16.89 5.90
C ALA A 83 -16.80 15.96 6.18
N SER A 84 -17.10 15.10 5.21
CA SER A 84 -18.21 14.16 5.33
C SER A 84 -17.84 12.82 4.69
N VAL A 85 -17.51 11.82 5.51
CA VAL A 85 -17.06 10.52 5.00
C VAL A 85 -18.18 9.65 4.42
N HIS A 86 -17.83 8.91 3.36
CA HIS A 86 -18.72 7.93 2.75
C HIS A 86 -18.47 6.55 3.38
N TRP A 87 -19.45 5.64 3.26
CA TRP A 87 -19.29 4.28 3.77
C TRP A 87 -18.20 3.51 3.03
N SER A 88 -17.94 3.91 1.79
CA SER A 88 -16.89 3.28 1.01
C SER A 88 -15.49 3.61 1.54
N ASP A 89 -15.37 4.68 2.33
CA ASP A 89 -14.06 5.14 2.79
C ASP A 89 -13.44 4.26 3.88
N SER A 90 -14.14 3.17 4.23
CA SER A 90 -13.59 2.20 5.18
C SER A 90 -12.37 1.51 4.59
N ALA A 91 -11.20 1.89 5.06
CA ALA A 91 -9.94 1.32 4.58
C ALA A 91 -8.83 1.51 5.62
N VAL A 92 -7.61 1.10 5.28
CA VAL A 92 -6.47 1.35 6.15
C VAL A 92 -5.65 2.49 5.57
N TYR A 93 -5.45 3.55 6.34
CA TYR A 93 -4.77 4.73 5.81
C TYR A 93 -3.34 4.87 6.32
N PHE A 94 -2.39 4.80 5.39
CA PHE A 94 -0.98 4.95 5.71
C PHE A 94 -0.51 6.33 5.28
N CYS A 95 0.23 7.03 6.14
CA CYS A 95 0.93 8.20 5.66
C CYS A 95 2.40 7.85 5.57
N ALA A 96 3.09 8.40 4.59
CA ALA A 96 4.48 8.09 4.36
C ALA A 96 5.24 9.37 4.07
N VAL A 97 6.51 9.41 4.45
CA VAL A 97 7.34 10.58 4.16
C VAL A 97 8.70 10.15 3.66
N SER A 98 9.33 11.02 2.87
CA SER A 98 10.71 10.83 2.46
C SER A 98 11.42 12.17 2.50
N ALA A 99 12.74 12.15 2.39
CA ALA A 99 13.54 13.36 2.50
C ALA A 99 14.53 13.39 1.36
N LYS A 100 15.22 14.52 1.19
CA LYS A 100 16.25 14.64 0.18
C LYS A 100 17.32 13.56 0.38
N GLY A 101 17.74 12.94 -0.72
CA GLY A 101 18.79 11.92 -0.66
C GLY A 101 18.22 10.52 -0.54
N THR A 102 16.97 10.44 -0.09
CA THR A 102 16.24 9.18 -0.06
C THR A 102 14.82 9.45 -0.55
N GLY A 103 14.71 10.32 -1.54
CA GLY A 103 13.43 10.77 -2.03
C GLY A 103 12.54 9.64 -2.51
N SER A 104 13.16 8.56 -2.97
CA SER A 104 12.43 7.44 -3.54
C SER A 104 12.34 6.25 -2.59
N LYS A 105 12.78 6.44 -1.35
CA LYS A 105 12.69 5.41 -0.33
C LYS A 105 11.80 5.93 0.80
N LEU A 106 10.57 5.45 0.86
CA LEU A 106 9.60 5.97 1.82
C LEU A 106 9.78 5.39 3.22
N SER A 107 9.33 6.15 4.21
CA SER A 107 9.13 5.66 5.57
C SER A 107 7.63 5.68 5.86
N PHE A 108 7.07 4.52 6.19
CA PHE A 108 5.64 4.40 6.41
C PHE A 108 5.20 4.53 7.88
N GLY A 109 3.97 5.01 8.09
CA GLY A 109 3.37 4.97 9.41
C GLY A 109 2.89 3.55 9.68
N LYS A 110 2.40 3.31 10.89
CA LYS A 110 1.85 2.00 11.21
C LYS A 110 0.47 1.83 10.59
N GLY A 111 -0.07 2.91 10.03
CA GLY A 111 -1.40 2.89 9.45
C GLY A 111 -2.52 3.06 10.45
N ALA A 112 -3.71 3.40 9.95
CA ALA A 112 -4.89 3.53 10.79
C ALA A 112 -6.09 2.87 10.12
N LYS A 113 -6.59 1.80 10.71
CA LYS A 113 -7.77 1.11 10.18
C LYS A 113 -9.03 1.95 10.44
N LEU A 114 -9.66 2.43 9.36
CA LEU A 114 -10.87 3.24 9.47
C LEU A 114 -12.14 2.43 9.22
N THR A 115 -13.01 2.38 10.22
CA THR A 115 -14.31 1.75 10.09
C THR A 115 -15.38 2.84 10.00
N VAL A 116 -16.09 2.87 8.88
CA VAL A 116 -17.19 3.80 8.74
C VAL A 116 -18.50 3.09 9.08
N SER A 117 -19.07 3.44 10.23
CA SER A 117 -20.34 2.87 10.67
C SER A 117 -21.49 3.51 9.90
N PRO A 118 -22.42 2.66 9.43
CA PRO A 118 -23.56 3.15 8.64
C PRO A 118 -24.67 3.66 9.54
N ASN A 119 -25.40 4.67 9.09
CA ASN A 119 -26.52 5.19 9.86
C ASN A 119 -27.79 4.42 9.55
N ILE A 120 -28.16 3.49 10.43
CA ILE A 120 -29.35 2.68 10.21
C ILE A 120 -30.62 3.44 10.55
N GLN A 121 -31.46 3.63 9.54
CA GLN A 121 -32.68 4.43 9.65
C GLN A 121 -33.72 3.77 10.56
N ASN A 122 -33.93 2.48 10.36
CA ASN A 122 -35.00 1.78 11.06
C ASN A 122 -34.50 0.55 11.85
N PRO A 123 -33.85 0.77 13.01
CA PRO A 123 -33.35 -0.34 13.82
C PRO A 123 -34.48 -1.25 14.30
N ASP A 124 -34.44 -2.50 13.87
CA ASP A 124 -35.42 -3.50 14.28
C ASP A 124 -34.65 -4.72 14.81
N PRO A 125 -33.99 -4.55 15.97
CA PRO A 125 -33.08 -5.57 16.51
C PRO A 125 -33.76 -6.92 16.65
N ALA A 126 -33.03 -8.01 16.45
CA ALA A 126 -33.59 -9.35 16.61
C ALA A 126 -32.52 -10.42 16.76
N VAL A 127 -32.88 -11.50 17.46
CA VAL A 127 -32.01 -12.67 17.53
C VAL A 127 -32.74 -13.90 16.99
N TYR A 128 -32.42 -14.27 15.75
CA TYR A 128 -33.06 -15.40 15.10
C TYR A 128 -32.26 -16.69 15.27
N GLN A 129 -32.93 -17.81 15.06
CA GLN A 129 -32.32 -19.13 15.13
C GLN A 129 -32.35 -19.75 13.74
N LEU A 130 -31.19 -20.09 13.18
CA LEU A 130 -31.12 -20.67 11.84
C LEU A 130 -30.63 -22.13 11.88
N ARG A 131 -31.33 -23.03 11.18
CA ARG A 131 -30.98 -24.45 11.19
C ARG A 131 -30.08 -24.84 10.02
N ASP A 132 -29.25 -25.87 10.21
CA ASP A 132 -28.35 -26.39 9.18
C ASP A 132 -29.12 -26.80 7.93
N SER A 133 -28.48 -26.66 6.77
CA SER A 133 -29.05 -27.08 5.49
C SER A 133 -29.20 -28.60 5.40
N LYS A 134 -28.45 -29.32 6.24
CA LYS A 134 -28.41 -30.78 6.18
C LYS A 134 -28.81 -31.42 7.52
N SER A 135 -27.99 -31.20 8.55
CA SER A 135 -28.28 -31.73 9.89
C SER A 135 -29.21 -30.80 10.69
N SER A 136 -30.51 -31.08 10.63
CA SER A 136 -31.54 -30.22 11.21
C SER A 136 -31.34 -29.84 12.68
N ASP A 137 -30.63 -30.67 13.43
CA ASP A 137 -30.42 -30.44 14.87
C ASP A 137 -29.35 -29.39 15.17
N LYS A 138 -28.27 -29.38 14.38
CA LYS A 138 -27.21 -28.39 14.53
C LYS A 138 -27.69 -27.02 14.04
N SER A 139 -27.59 -26.01 14.91
CA SER A 139 -28.10 -24.69 14.55
C SER A 139 -27.15 -23.56 14.93
N VAL A 140 -27.56 -22.33 14.61
CA VAL A 140 -26.73 -21.15 14.83
C VAL A 140 -27.60 -19.94 15.17
N CYS A 141 -27.15 -19.14 16.12
CA CYS A 141 -27.88 -17.94 16.50
C CYS A 141 -27.36 -16.68 15.78
N LEU A 142 -28.28 -15.83 15.35
CA LEU A 142 -27.93 -14.63 14.58
C LEU A 142 -28.55 -13.37 15.16
N PHE A 143 -27.70 -12.49 15.71
CA PHE A 143 -28.14 -11.16 16.14
C PHE A 143 -28.05 -10.22 14.96
N THR A 144 -29.16 -9.61 14.57
CA THR A 144 -29.19 -8.77 13.38
C THR A 144 -30.10 -7.55 13.51
N ASP A 145 -29.84 -6.57 12.63
CA ASP A 145 -30.64 -5.35 12.53
C ASP A 145 -30.54 -4.45 13.75
N PHE A 146 -29.44 -4.55 14.49
CA PHE A 146 -29.15 -3.60 15.56
C PHE A 146 -28.41 -2.40 14.97
N ASP A 147 -28.43 -1.27 15.69
CA ASP A 147 -27.79 -0.04 15.19
C ASP A 147 -26.28 -0.06 15.37
N SER A 148 -25.61 0.95 14.83
CA SER A 148 -24.15 1.01 14.85
C SER A 148 -23.61 1.22 16.26
N GLN A 149 -24.38 1.91 17.08
CA GLN A 149 -23.95 2.32 18.43
C GLN A 149 -23.73 1.16 19.39
N THR A 150 -24.53 0.10 19.27
CA THR A 150 -24.37 -1.05 20.16
C THR A 150 -23.09 -1.83 19.89
N ASN A 151 -22.71 -2.66 20.85
CA ASN A 151 -21.38 -3.29 20.87
C ASN A 151 -21.40 -4.73 21.35
N VAL A 152 -21.08 -5.64 20.43
CA VAL A 152 -21.00 -7.06 20.76
C VAL A 152 -19.70 -7.35 21.50
N SER A 153 -19.77 -8.14 22.56
CA SER A 153 -18.57 -8.57 23.28
C SER A 153 -18.37 -10.08 23.12
N GLN A 154 -17.12 -10.53 23.24
CA GLN A 154 -16.79 -11.95 23.09
C GLN A 154 -17.44 -12.80 24.18
N SER A 155 -17.26 -14.11 24.09
CA SER A 155 -17.83 -15.07 25.01
C SER A 155 -17.31 -14.95 26.43
N LYS A 156 -18.19 -15.22 27.39
CA LYS A 156 -17.78 -15.40 28.78
C LYS A 156 -17.50 -16.88 29.02
N ASP A 157 -18.24 -17.73 28.30
CA ASP A 157 -18.13 -19.18 28.43
C ASP A 157 -16.79 -19.72 27.93
N SER A 158 -16.25 -19.10 26.88
CA SER A 158 -15.01 -19.52 26.21
C SER A 158 -15.17 -20.81 25.37
N ASP A 159 -16.31 -21.50 25.53
CA ASP A 159 -16.68 -22.60 24.65
C ASP A 159 -17.98 -22.28 23.89
N VAL A 160 -18.40 -21.02 23.98
CA VAL A 160 -19.39 -20.47 23.07
C VAL A 160 -18.63 -19.50 22.16
N TYR A 161 -19.08 -19.35 20.92
CA TYR A 161 -18.33 -18.53 19.97
C TYR A 161 -19.18 -17.38 19.46
N ILE A 162 -18.62 -16.17 19.46
CA ILE A 162 -19.36 -15.01 18.98
C ILE A 162 -18.48 -14.16 18.06
N THR A 163 -19.00 -13.86 16.88
CA THR A 163 -18.29 -13.03 15.92
C THR A 163 -18.63 -11.57 16.15
N ASP A 164 -17.69 -10.68 15.82
CA ASP A 164 -17.90 -9.25 15.95
C ASP A 164 -18.98 -8.79 14.98
N LYS A 165 -19.47 -7.56 15.15
CA LYS A 165 -20.49 -7.03 14.24
C LYS A 165 -19.97 -6.96 12.80
N CYS A 166 -20.90 -6.94 11.85
CA CYS A 166 -20.53 -7.01 10.44
C CYS A 166 -21.62 -6.39 9.57
N VAL A 167 -21.25 -5.33 8.86
CA VAL A 167 -22.21 -4.59 8.05
C VAL A 167 -22.31 -5.18 6.64
N LEU A 168 -23.54 -5.48 6.22
CA LEU A 168 -23.76 -5.91 4.83
C LEU A 168 -24.69 -4.92 4.14
N ASP A 169 -24.45 -4.71 2.85
CA ASP A 169 -25.18 -3.72 2.07
C ASP A 169 -25.88 -4.39 0.88
N MET A 170 -27.20 -4.43 0.94
CA MET A 170 -28.03 -4.89 -0.16
C MET A 170 -28.22 -3.75 -1.14
N ARG A 171 -27.19 -3.48 -1.94
CA ARG A 171 -27.14 -2.30 -2.80
C ARG A 171 -28.27 -2.21 -3.84
N SER A 172 -28.82 -3.37 -4.22
CA SER A 172 -29.89 -3.41 -5.19
C SER A 172 -31.17 -2.69 -4.74
N MET A 173 -31.28 -2.45 -3.44
CA MET A 173 -32.42 -1.73 -2.89
C MET A 173 -32.01 -0.76 -1.79
N ASP A 174 -30.71 -0.44 -1.75
CA ASP A 174 -30.13 0.47 -0.76
C ASP A 174 -30.54 0.15 0.67
N PHE A 175 -30.03 -0.97 1.19
CA PHE A 175 -30.32 -1.41 2.55
C PHE A 175 -29.03 -1.88 3.21
N LYS A 176 -28.77 -1.39 4.43
CA LYS A 176 -27.59 -1.79 5.18
C LYS A 176 -27.98 -2.35 6.54
N SER A 177 -27.34 -3.46 6.94
CA SER A 177 -27.69 -4.07 8.22
C SER A 177 -26.48 -4.65 8.94
N ASN A 178 -26.46 -4.47 10.26
CA ASN A 178 -25.42 -5.05 11.10
C ASN A 178 -25.76 -6.48 11.47
N SER A 179 -24.73 -7.27 11.79
CA SER A 179 -24.91 -8.70 12.01
C SER A 179 -23.80 -9.29 12.88
N ALA A 180 -24.17 -10.18 13.80
CA ALA A 180 -23.22 -10.94 14.60
C ALA A 180 -23.71 -12.39 14.76
N VAL A 181 -22.77 -13.34 14.74
CA VAL A 181 -23.13 -14.76 14.76
C VAL A 181 -22.60 -15.46 16.02
N ALA A 182 -23.45 -16.29 16.62
CA ALA A 182 -23.09 -17.07 17.80
C ALA A 182 -23.39 -18.56 17.60
N TRP A 183 -22.48 -19.43 18.04
CA TRP A 183 -22.69 -20.87 17.92
C TRP A 183 -21.88 -21.64 18.95
N SER A 184 -22.37 -22.82 19.30
CA SER A 184 -21.66 -23.70 20.22
C SER A 184 -22.18 -25.13 20.09
N ASN A 185 -21.29 -26.10 20.20
CA ASN A 185 -21.65 -27.51 20.06
C ASN A 185 -22.06 -28.14 21.38
N ASP A 188 -26.90 -26.92 26.41
CA ASP A 188 -27.15 -25.68 27.14
C ASP A 188 -26.98 -24.45 26.23
N PHE A 189 -27.64 -24.48 25.07
CA PHE A 189 -27.55 -23.36 24.14
C PHE A 189 -28.90 -22.96 23.55
N ALA A 190 -29.23 -21.67 23.68
CA ALA A 190 -30.44 -21.11 23.08
C ALA A 190 -30.10 -19.78 22.40
N CYS A 191 -31.06 -18.88 22.31
CA CYS A 191 -30.84 -17.57 21.70
C CYS A 191 -30.58 -16.48 22.73
N ALA A 192 -31.41 -16.44 23.77
CA ALA A 192 -31.31 -15.41 24.81
C ALA A 192 -30.11 -15.59 25.75
N ASN A 193 -29.73 -16.84 25.99
CA ASN A 193 -28.60 -17.13 26.88
C ASN A 193 -27.28 -16.62 26.32
N ALA A 194 -27.13 -16.68 25.00
CA ALA A 194 -25.99 -16.09 24.32
C ALA A 194 -26.14 -14.58 24.31
N PHE A 195 -25.10 -13.87 23.88
CA PHE A 195 -25.09 -12.40 23.85
C PHE A 195 -25.37 -11.75 25.22
N ASN A 196 -24.56 -12.10 26.21
CA ASN A 196 -24.74 -11.58 27.56
C ASN A 196 -24.15 -10.17 27.77
N ASN A 197 -24.20 -9.33 26.73
CA ASN A 197 -23.62 -8.00 26.80
C ASN A 197 -24.36 -6.93 26.00
N SER A 198 -24.84 -5.88 26.69
CA SER A 198 -25.37 -4.67 26.06
C SER A 198 -26.40 -4.90 24.95
N ILE A 199 -27.49 -5.59 25.29
CA ILE A 199 -28.55 -5.82 24.31
C ILE A 199 -29.67 -4.80 24.44
N ILE A 200 -30.24 -4.41 23.31
CA ILE A 200 -31.42 -3.54 23.32
C ILE A 200 -32.67 -4.39 23.55
N PRO A 201 -33.45 -4.08 24.59
CA PRO A 201 -34.59 -4.89 25.04
C PRO A 201 -35.68 -5.19 23.99
N GLU A 202 -35.91 -4.26 23.06
CA GLU A 202 -37.01 -4.36 22.09
C GLU A 202 -36.67 -5.17 20.84
N ASP A 203 -36.23 -6.41 21.04
CA ASP A 203 -35.87 -7.30 19.93
C ASP A 203 -36.65 -8.64 19.91
N THR A 204 -37.15 -9.04 18.74
CA THR A 204 -37.98 -10.25 18.59
C THR A 204 -37.23 -11.54 18.92
N PHE A 205 -37.85 -12.42 19.71
CA PHE A 205 -37.31 -13.76 19.99
C PHE A 205 -38.28 -14.86 19.54
N ALA B 5 -0.66 -0.87 -13.39
CA ALA B 5 -0.81 -2.30 -13.10
C ALA B 5 0.51 -2.97 -12.74
N VAL B 6 0.56 -3.50 -11.52
CA VAL B 6 1.65 -4.34 -11.06
C VAL B 6 1.04 -5.69 -10.69
N THR B 7 1.66 -6.77 -11.17
CA THR B 7 1.14 -8.11 -10.93
C THR B 7 2.16 -8.91 -10.13
N GLN B 8 1.68 -9.79 -9.27
CA GLN B 8 2.59 -10.68 -8.55
C GLN B 8 2.01 -12.07 -8.39
N SER B 9 2.90 -13.06 -8.27
CA SER B 9 2.47 -14.44 -8.13
C SER B 9 3.50 -15.19 -7.29
N PRO B 10 3.05 -16.19 -6.51
CA PRO B 10 1.65 -16.57 -6.36
C PRO B 10 0.91 -15.65 -5.39
N ARG B 11 -0.41 -15.59 -5.52
CA ARG B 11 -1.25 -14.79 -4.62
C ARG B 11 -1.34 -15.45 -3.25
N ASN B 12 -1.23 -16.78 -3.24
CA ASN B 12 -1.22 -17.55 -2.01
C ASN B 12 -0.21 -18.69 -2.09
N LYS B 13 0.55 -18.86 -1.01
CA LYS B 13 1.57 -19.90 -0.95
C LYS B 13 1.71 -20.42 0.48
N VAL B 14 1.75 -21.74 0.61
CA VAL B 14 1.97 -22.36 1.90
C VAL B 14 3.19 -23.27 1.80
N THR B 15 4.08 -23.18 2.78
CA THR B 15 5.33 -23.95 2.76
C THR B 15 5.74 -24.32 4.19
N VAL B 16 6.73 -25.20 4.30
CA VAL B 16 7.24 -25.63 5.60
C VAL B 16 8.62 -25.03 5.82
N THR B 17 9.02 -24.88 7.09
CA THR B 17 10.33 -24.36 7.45
C THR B 17 11.45 -25.08 6.71
N GLY B 18 12.31 -24.32 6.06
CA GLY B 18 13.36 -24.90 5.24
C GLY B 18 12.90 -25.04 3.81
N GLY B 19 11.70 -24.54 3.53
CA GLY B 19 11.15 -24.56 2.18
C GLY B 19 11.79 -23.52 1.28
N ASN B 20 11.44 -23.57 0.01
CA ASN B 20 12.00 -22.67 -0.99
C ASN B 20 10.92 -21.92 -1.77
N VAL B 21 10.76 -20.63 -1.49
CA VAL B 21 9.71 -19.84 -2.11
C VAL B 21 10.27 -18.73 -3.02
N THR B 22 9.62 -18.52 -4.16
CA THR B 22 10.03 -17.48 -5.09
C THR B 22 8.85 -16.61 -5.52
N LEU B 23 8.80 -15.39 -4.98
CA LEU B 23 7.76 -14.44 -5.32
C LEU B 23 8.14 -13.63 -6.56
N SER B 24 7.32 -13.72 -7.59
CA SER B 24 7.55 -13.02 -8.84
C SER B 24 6.70 -11.77 -8.91
N CYS B 25 7.30 -10.68 -9.38
CA CYS B 25 6.58 -9.44 -9.63
C CYS B 25 6.87 -8.93 -11.04
N ARG B 26 5.82 -8.51 -11.74
CA ARG B 26 5.96 -7.97 -13.09
C ARG B 26 5.11 -6.72 -13.29
N GLN B 27 5.77 -5.62 -13.68
CA GLN B 27 5.12 -4.34 -13.92
C GLN B 27 4.94 -4.02 -15.41
N THR B 28 3.79 -3.43 -15.76
CA THR B 28 3.46 -3.07 -17.14
C THR B 28 3.95 -1.67 -17.49
N ASN B 29 4.03 -0.83 -16.46
CA ASN B 29 4.70 0.46 -16.56
C ASN B 29 6.18 0.24 -16.83
N SER B 30 6.91 1.29 -17.19
CA SER B 30 8.33 1.10 -17.44
C SER B 30 9.14 1.80 -16.37
N HIS B 31 8.67 1.65 -15.13
CA HIS B 31 9.26 2.33 -13.99
C HIS B 31 10.62 1.77 -13.65
N ASN B 32 11.50 2.62 -13.11
CA ASN B 32 12.84 2.19 -12.78
C ASN B 32 12.98 1.58 -11.39
N TYR B 33 12.23 2.11 -10.44
CA TYR B 33 12.23 1.56 -9.09
C TYR B 33 11.26 0.40 -8.96
N MET B 34 11.73 -0.67 -8.32
CA MET B 34 10.84 -1.75 -7.86
C MET B 34 11.20 -2.14 -6.43
N TYR B 35 10.18 -2.48 -5.65
CA TYR B 35 10.34 -2.72 -4.22
C TYR B 35 9.64 -4.00 -3.78
N TRP B 36 10.19 -4.62 -2.74
CA TRP B 36 9.51 -5.70 -2.04
C TRP B 36 9.28 -5.31 -0.58
N TYR B 37 8.00 -5.21 -0.21
CA TYR B 37 7.61 -4.89 1.14
C TYR B 37 6.96 -6.10 1.78
N ARG B 38 6.92 -6.12 3.11
CA ARG B 38 6.06 -7.05 3.83
C ARG B 38 5.18 -6.25 4.79
N GLN B 39 3.94 -6.69 4.94
CA GLN B 39 3.01 -6.01 5.83
C GLN B 39 2.62 -6.95 6.96
N ASP B 40 2.89 -6.53 8.18
CA ASP B 40 2.54 -7.31 9.36
C ASP B 40 1.77 -6.42 10.32
N THR B 41 0.74 -6.98 10.96
CA THR B 41 -0.02 -6.22 11.93
C THR B 41 0.88 -5.85 13.11
N GLY B 42 0.98 -4.55 13.39
CA GLY B 42 1.86 -4.07 14.45
C GLY B 42 3.14 -3.42 13.98
N HIS B 43 3.58 -3.79 12.77
CA HIS B 43 4.81 -3.25 12.19
C HIS B 43 4.51 -2.45 10.93
N GLY B 44 3.34 -2.69 10.35
CA GLY B 44 2.98 -2.09 9.08
C GLY B 44 3.90 -2.52 7.96
N LEU B 45 4.14 -1.61 7.02
CA LEU B 45 4.97 -1.91 5.85
C LEU B 45 6.46 -1.78 6.11
N ARG B 46 7.20 -2.84 5.77
CA ARG B 46 8.65 -2.87 5.97
C ARG B 46 9.37 -3.30 4.70
N LEU B 47 10.22 -2.42 4.18
CA LEU B 47 10.98 -2.68 2.97
C LEU B 47 11.99 -3.81 3.16
N ILE B 48 12.02 -4.75 2.21
CA ILE B 48 12.96 -5.85 2.27
C ILE B 48 14.16 -5.63 1.34
N HIS B 49 13.86 -5.43 0.06
CA HIS B 49 14.87 -5.16 -0.94
C HIS B 49 14.26 -4.23 -1.99
N TYR B 50 15.11 -3.46 -2.66
CA TYR B 50 14.63 -2.67 -3.81
C TYR B 50 15.66 -2.59 -4.93
N SER B 51 15.28 -1.94 -6.01
CA SER B 51 16.07 -2.00 -7.23
C SER B 51 15.81 -0.77 -8.08
N TYR B 52 16.88 -0.16 -8.58
CA TYR B 52 16.78 1.01 -9.42
C TYR B 52 17.32 0.66 -10.80
N GLY B 53 16.41 0.28 -11.70
CA GLY B 53 16.80 -0.15 -13.03
C GLY B 53 17.27 -1.59 -13.04
N ALA B 54 17.24 -2.21 -14.23
CA ALA B 54 17.57 -3.63 -14.34
C ALA B 54 18.99 -3.93 -13.91
N GLY B 55 19.18 -5.07 -13.24
CA GLY B 55 20.48 -5.48 -12.78
C GLY B 55 20.84 -4.97 -11.40
N ASN B 56 20.20 -3.88 -10.98
CA ASN B 56 20.52 -3.25 -9.70
C ASN B 56 19.79 -3.90 -8.53
N LEU B 57 20.50 -4.04 -7.41
CA LEU B 57 19.91 -4.60 -6.20
C LEU B 57 20.40 -3.79 -5.00
N GLN B 58 19.46 -3.39 -4.15
CA GLN B 58 19.80 -2.61 -2.96
C GLN B 58 19.15 -3.20 -1.71
N ILE B 59 19.86 -3.10 -0.60
CA ILE B 59 19.41 -3.64 0.68
C ILE B 59 18.30 -2.77 1.28
N GLY B 60 17.23 -3.41 1.76
CA GLY B 60 16.15 -2.70 2.42
C GLY B 60 16.43 -2.60 3.91
N ASP B 61 15.37 -2.50 4.71
CA ASP B 61 15.51 -2.39 6.16
C ASP B 61 15.63 -3.76 6.84
N VAL B 62 14.91 -4.74 6.32
CA VAL B 62 14.95 -6.10 6.85
C VAL B 62 15.22 -7.14 5.76
N PRO B 63 16.47 -7.21 5.28
CA PRO B 63 16.85 -8.07 4.16
C PRO B 63 17.25 -9.48 4.59
N ASP B 64 17.44 -9.68 5.90
CA ASP B 64 17.89 -10.97 6.42
C ASP B 64 16.87 -12.09 6.15
N GLY B 65 17.34 -13.16 5.53
CA GLY B 65 16.47 -14.27 5.17
C GLY B 65 15.97 -14.15 3.75
N TYR B 66 16.12 -12.97 3.17
CA TYR B 66 15.65 -12.75 1.81
C TYR B 66 16.78 -12.46 0.85
N LYS B 67 16.55 -12.82 -0.41
CA LYS B 67 17.41 -12.41 -1.50
C LYS B 67 16.51 -11.95 -2.64
N ALA B 68 17.06 -11.16 -3.56
CA ALA B 68 16.24 -10.62 -4.63
C ALA B 68 17.03 -10.54 -5.91
N THR B 69 16.34 -10.62 -7.05
CA THR B 69 17.00 -10.47 -8.34
C THR B 69 16.17 -9.60 -9.28
N ARG B 70 16.83 -8.62 -9.90
CA ARG B 70 16.17 -7.77 -10.89
C ARG B 70 16.73 -8.14 -12.26
N THR B 71 16.14 -9.17 -12.86
CA THR B 71 16.58 -9.65 -14.16
C THR B 71 16.34 -8.61 -15.25
N THR B 72 15.10 -8.18 -15.39
CA THR B 72 14.75 -7.20 -16.42
C THR B 72 14.13 -5.93 -15.82
N GLN B 73 13.84 -4.96 -16.67
CA GLN B 73 13.17 -3.73 -16.28
C GLN B 73 11.78 -4.04 -15.70
N GLU B 74 11.13 -5.06 -16.25
CA GLU B 74 9.75 -5.40 -15.89
C GLU B 74 9.62 -6.39 -14.73
N ASP B 75 10.63 -7.22 -14.53
CA ASP B 75 10.54 -8.30 -13.54
C ASP B 75 11.41 -8.10 -12.30
N PHE B 76 10.84 -8.40 -11.13
CA PHE B 76 11.59 -8.37 -9.87
C PHE B 76 11.21 -9.58 -9.03
N PHE B 77 12.22 -10.32 -8.58
CA PHE B 77 11.99 -11.54 -7.83
C PHE B 77 12.48 -11.44 -6.40
N LEU B 78 11.71 -12.04 -5.50
CA LEU B 78 12.07 -12.14 -4.08
C LEU B 78 12.23 -13.60 -3.71
N LEU B 79 13.41 -13.96 -3.20
CA LEU B 79 13.77 -15.36 -2.96
C LEU B 79 13.91 -15.69 -1.47
N LEU B 80 13.14 -16.68 -1.01
CA LEU B 80 13.27 -17.17 0.36
C LEU B 80 13.74 -18.61 0.27
N GLU B 81 15.04 -18.82 0.42
CA GLU B 81 15.63 -20.15 0.22
C GLU B 81 15.54 -21.06 1.44
N LEU B 82 15.73 -20.48 2.62
CA LEU B 82 15.50 -21.21 3.85
C LEU B 82 14.31 -20.59 4.54
N ALA B 83 13.13 -21.15 4.30
CA ALA B 83 11.90 -20.62 4.84
C ALA B 83 11.92 -20.62 6.37
N SER B 84 11.35 -19.57 6.96
CA SER B 84 11.24 -19.44 8.40
C SER B 84 9.82 -19.02 8.74
N PRO B 85 9.30 -19.49 9.89
CA PRO B 85 7.95 -19.11 10.31
C PRO B 85 7.81 -17.60 10.49
N SER B 86 8.92 -16.93 10.80
CA SER B 86 8.96 -15.48 10.91
C SER B 86 8.62 -14.83 9.58
N GLN B 87 8.94 -15.52 8.49
CA GLN B 87 8.67 -15.02 7.15
C GLN B 87 7.21 -15.17 6.74
N THR B 88 6.37 -15.64 7.66
CA THR B 88 4.92 -15.68 7.42
C THR B 88 4.38 -14.27 7.44
N SER B 89 3.90 -13.80 6.28
CA SER B 89 3.49 -12.42 6.14
C SER B 89 2.71 -12.21 4.87
N LEU B 90 2.42 -10.94 4.59
CA LEU B 90 1.74 -10.55 3.38
C LEU B 90 2.68 -9.67 2.57
N TYR B 91 3.16 -10.19 1.44
CA TYR B 91 4.19 -9.50 0.66
C TYR B 91 3.64 -8.64 -0.47
N PHE B 92 4.11 -7.40 -0.56
CA PHE B 92 3.69 -6.51 -1.63
C PHE B 92 4.83 -6.10 -2.54
N CYS B 93 4.57 -6.10 -3.83
CA CYS B 93 5.54 -5.59 -4.78
C CYS B 93 5.12 -4.18 -5.19
N ALA B 94 6.08 -3.29 -5.35
CA ALA B 94 5.74 -1.94 -5.81
C ALA B 94 6.67 -1.42 -6.90
N SER B 95 6.22 -0.42 -7.64
CA SER B 95 7.08 0.21 -8.64
C SER B 95 6.94 1.71 -8.57
N SER B 96 7.97 2.44 -8.97
CA SER B 96 7.93 3.89 -8.92
C SER B 96 8.84 4.48 -9.97
N ASP B 97 8.44 5.62 -10.53
CA ASP B 97 9.31 6.40 -11.39
C ASP B 97 9.34 7.86 -10.91
N ALA B 98 8.87 8.06 -9.68
CA ALA B 98 8.77 9.38 -9.07
C ALA B 98 8.90 9.21 -7.56
N PRO B 99 9.58 10.16 -6.90
CA PRO B 99 9.89 10.09 -5.47
C PRO B 99 8.67 9.83 -4.61
N GLY B 100 8.59 8.65 -4.01
CA GLY B 100 7.54 8.39 -3.03
C GLY B 100 6.18 8.11 -3.64
N GLN B 101 6.11 8.14 -4.98
CA GLN B 101 4.90 7.79 -5.70
C GLN B 101 4.95 6.32 -6.11
N LEU B 102 4.26 5.45 -5.38
CA LEU B 102 4.35 4.01 -5.58
C LEU B 102 3.07 3.34 -6.10
N TYR B 103 3.27 2.33 -6.96
CA TYR B 103 2.18 1.51 -7.47
C TYR B 103 2.36 0.09 -6.95
N PHE B 104 1.38 -0.36 -6.16
CA PHE B 104 1.46 -1.66 -5.50
C PHE B 104 0.80 -2.80 -6.28
N GLY B 105 1.19 -4.02 -5.96
CA GLY B 105 0.56 -5.21 -6.47
C GLY B 105 -0.57 -5.54 -5.53
N GLU B 106 -1.31 -6.62 -5.80
CA GLU B 106 -2.50 -6.92 -5.02
C GLU B 106 -2.20 -7.78 -3.78
N GLY B 107 -0.94 -8.20 -3.65
CA GLY B 107 -0.51 -8.92 -2.48
C GLY B 107 -0.26 -10.40 -2.70
N SER B 108 0.65 -10.95 -1.90
CA SER B 108 0.92 -12.39 -1.93
C SER B 108 0.96 -12.89 -0.50
N LYS B 109 0.07 -13.82 -0.17
CA LYS B 109 0.00 -14.30 1.21
C LYS B 109 0.80 -15.57 1.41
N LEU B 110 1.83 -15.48 2.24
CA LEU B 110 2.71 -16.61 2.50
C LEU B 110 2.49 -17.16 3.90
N THR B 111 2.33 -18.47 4.00
CA THR B 111 2.23 -19.13 5.30
C THR B 111 3.36 -20.13 5.45
N VAL B 112 4.13 -19.99 6.52
CA VAL B 112 5.21 -20.93 6.80
C VAL B 112 4.95 -21.71 8.08
N LEU B 113 4.89 -23.04 7.96
CA LEU B 113 4.53 -23.91 9.07
C LEU B 113 5.74 -24.60 9.67
N GLU B 114 5.78 -24.67 11.00
CA GLU B 114 6.86 -25.37 11.70
C GLU B 114 6.70 -26.88 11.51
N ASP B 115 5.48 -27.37 11.75
CA ASP B 115 5.18 -28.78 11.49
C ASP B 115 3.84 -28.91 10.76
N LEU B 116 3.67 -30.01 10.03
CA LEU B 116 2.51 -30.16 9.16
C LEU B 116 1.34 -30.91 9.82
N LYS B 117 1.59 -31.57 10.94
CA LYS B 117 0.62 -32.47 11.55
C LYS B 117 -0.63 -31.77 12.14
N ASN B 118 -0.59 -30.44 12.17
CA ASN B 118 -1.69 -29.65 12.72
C ASN B 118 -2.46 -28.87 11.65
N VAL B 119 -2.31 -29.28 10.39
CA VAL B 119 -2.97 -28.66 9.24
C VAL B 119 -4.33 -29.32 8.91
N PHE B 120 -5.37 -28.48 8.84
CA PHE B 120 -6.72 -28.97 8.64
C PHE B 120 -7.49 -28.16 7.61
N PRO B 121 -8.10 -28.84 6.63
CA PRO B 121 -9.04 -28.15 5.75
C PRO B 121 -10.30 -27.87 6.55
N PRO B 122 -11.05 -26.82 6.20
CA PRO B 122 -12.20 -26.43 7.02
C PRO B 122 -13.42 -27.32 6.79
N GLU B 123 -14.32 -27.35 7.78
CA GLU B 123 -15.63 -27.95 7.60
C GLU B 123 -16.66 -26.85 7.38
N VAL B 124 -17.30 -26.87 6.21
CA VAL B 124 -18.21 -25.81 5.81
C VAL B 124 -19.68 -26.23 5.90
N ALA B 125 -20.51 -25.35 6.46
CA ALA B 125 -21.94 -25.61 6.58
C ALA B 125 -22.75 -24.34 6.31
N VAL B 126 -23.88 -24.49 5.64
CA VAL B 126 -24.78 -23.36 5.42
C VAL B 126 -26.00 -23.49 6.32
N PHE B 127 -26.38 -22.40 6.98
CA PHE B 127 -27.54 -22.36 7.85
C PHE B 127 -28.64 -21.51 7.19
N GLU B 128 -29.80 -22.14 7.06
CA GLU B 128 -30.92 -21.62 6.28
C GLU B 128 -31.73 -20.60 7.10
N PRO B 129 -32.31 -19.60 6.41
CA PRO B 129 -33.07 -18.50 7.02
C PRO B 129 -34.11 -18.95 8.04
N SER B 130 -34.43 -18.07 8.99
CA SER B 130 -35.45 -18.31 10.00
C SER B 130 -36.79 -17.78 9.51
N GLU B 131 -37.86 -18.56 9.69
CA GLU B 131 -39.19 -18.15 9.28
C GLU B 131 -39.60 -16.86 10.01
N ALA B 132 -39.08 -16.70 11.22
CA ALA B 132 -39.31 -15.48 12.00
C ALA B 132 -38.76 -14.23 11.28
N GLU B 133 -37.50 -14.29 10.89
CA GLU B 133 -36.88 -13.20 10.12
C GLU B 133 -37.65 -12.91 8.84
N ILE B 134 -38.04 -13.97 8.14
CA ILE B 134 -38.76 -13.86 6.87
C ILE B 134 -40.11 -13.17 7.04
N SER B 135 -40.83 -13.53 8.09
CA SER B 135 -42.12 -12.91 8.38
C SER B 135 -41.96 -11.46 8.81
N HIS B 136 -40.99 -11.20 9.67
CA HIS B 136 -40.79 -9.90 10.26
C HIS B 136 -40.25 -8.88 9.27
N THR B 137 -39.04 -9.12 8.78
CA THR B 137 -38.30 -8.17 7.97
C THR B 137 -38.48 -8.35 6.46
N GLN B 138 -39.20 -9.39 6.05
CA GLN B 138 -39.39 -9.74 4.64
C GLN B 138 -38.07 -10.02 3.92
N LYS B 139 -37.06 -10.39 4.70
CA LYS B 139 -35.75 -10.76 4.16
C LYS B 139 -35.31 -12.10 4.73
N ALA B 140 -34.36 -12.73 4.06
CA ALA B 140 -33.86 -14.02 4.50
C ALA B 140 -32.33 -13.98 4.58
N THR B 141 -31.81 -14.39 5.73
CA THR B 141 -30.36 -14.40 5.94
C THR B 141 -29.83 -15.82 6.05
N LEU B 142 -28.97 -16.20 5.11
CA LEU B 142 -28.24 -17.46 5.18
C LEU B 142 -26.91 -17.20 5.84
N VAL B 143 -26.42 -18.17 6.61
CA VAL B 143 -25.12 -18.01 7.26
C VAL B 143 -24.17 -19.15 6.93
N CYS B 144 -23.07 -18.85 6.25
CA CYS B 144 -22.05 -19.85 6.06
C CYS B 144 -21.07 -19.87 7.22
N LEU B 145 -20.63 -21.07 7.60
CA LEU B 145 -19.71 -21.23 8.71
C LEU B 145 -18.65 -22.27 8.37
N ALA B 146 -17.38 -21.85 8.41
CA ALA B 146 -16.25 -22.71 8.14
C ALA B 146 -15.43 -22.90 9.41
N THR B 147 -15.41 -24.12 9.92
CA THR B 147 -14.77 -24.38 11.22
C THR B 147 -13.57 -25.30 11.16
N GLY B 148 -12.71 -25.16 12.17
CA GLY B 148 -11.62 -26.09 12.39
C GLY B 148 -10.58 -26.15 11.29
N PHE B 149 -10.18 -25.00 10.76
CA PHE B 149 -9.14 -24.99 9.76
C PHE B 149 -7.81 -24.43 10.29
N TYR B 150 -6.71 -25.02 9.82
CA TYR B 150 -5.38 -24.49 10.07
C TYR B 150 -4.53 -24.73 8.83
N PRO B 151 -3.76 -23.71 8.41
CA PRO B 151 -3.60 -22.39 9.04
C PRO B 151 -4.70 -21.42 8.67
N ASP B 152 -4.59 -20.17 9.13
CA ASP B 152 -5.51 -19.11 8.76
C ASP B 152 -5.18 -18.62 7.35
N HIS B 153 -5.76 -19.29 6.37
CA HIS B 153 -5.43 -19.02 4.98
C HIS B 153 -6.57 -19.56 4.10
N VAL B 154 -7.71 -18.86 4.13
CA VAL B 154 -8.91 -19.24 3.39
C VAL B 154 -9.54 -18.06 2.65
N GLU B 155 -10.39 -18.37 1.67
CA GLU B 155 -11.17 -17.35 0.97
C GLU B 155 -12.63 -17.80 0.82
N LEU B 156 -13.53 -17.04 1.44
CA LEU B 156 -14.96 -17.38 1.42
C LEU B 156 -15.70 -16.58 0.34
N SER B 157 -16.51 -17.27 -0.47
CA SER B 157 -17.35 -16.61 -1.46
C SER B 157 -18.75 -17.21 -1.50
N TRP B 158 -19.71 -16.41 -1.97
CA TRP B 158 -21.09 -16.84 -2.14
C TRP B 158 -21.45 -16.95 -3.61
N TRP B 159 -22.24 -17.96 -3.93
CA TRP B 159 -22.58 -18.27 -5.31
C TRP B 159 -24.06 -18.53 -5.40
N VAL B 160 -24.77 -17.65 -6.08
CA VAL B 160 -26.19 -17.83 -6.32
C VAL B 160 -26.39 -18.15 -7.78
N ASN B 161 -27.02 -19.28 -8.07
CA ASN B 161 -27.28 -19.72 -9.45
C ASN B 161 -26.05 -19.67 -10.36
N GLY B 162 -24.91 -20.12 -9.85
CA GLY B 162 -23.71 -20.18 -10.66
C GLY B 162 -22.94 -18.87 -10.80
N LYS B 163 -23.48 -17.78 -10.26
CA LYS B 163 -22.75 -16.51 -10.29
C LYS B 163 -22.23 -16.15 -8.89
N GLU B 164 -21.03 -15.60 -8.80
CA GLU B 164 -20.49 -15.14 -7.52
C GLU B 164 -21.15 -13.82 -7.13
N VAL B 165 -21.69 -13.74 -5.91
CA VAL B 165 -22.39 -12.53 -5.47
C VAL B 165 -21.60 -11.69 -4.47
N HIS B 166 -21.69 -10.36 -4.61
CA HIS B 166 -20.98 -9.44 -3.74
C HIS B 166 -21.94 -8.52 -3.00
N SER B 167 -23.19 -8.51 -3.43
CA SER B 167 -24.24 -7.70 -2.82
C SER B 167 -24.95 -8.45 -1.69
N GLY B 168 -25.09 -7.81 -0.54
CA GLY B 168 -25.77 -8.42 0.59
C GLY B 168 -24.93 -9.49 1.25
N VAL B 169 -23.61 -9.37 1.11
CA VAL B 169 -22.69 -10.32 1.68
C VAL B 169 -21.86 -9.66 2.79
N CYS B 170 -21.57 -10.42 3.84
CA CYS B 170 -20.69 -9.94 4.91
C CYS B 170 -19.89 -11.08 5.54
N THR B 171 -18.60 -11.17 5.22
CA THR B 171 -17.71 -12.15 5.83
C THR B 171 -16.91 -11.50 6.97
N ASP B 172 -16.58 -12.27 8.00
CA ASP B 172 -15.71 -11.78 9.08
C ASP B 172 -14.42 -11.25 8.48
N PRO B 173 -13.93 -10.10 8.98
CA PRO B 173 -12.70 -9.54 8.43
C PRO B 173 -11.47 -10.24 8.99
N GLN B 174 -11.71 -11.11 9.96
CA GLN B 174 -10.64 -11.79 10.67
C GLN B 174 -11.26 -12.95 11.46
N PRO B 175 -10.68 -14.15 11.33
CA PRO B 175 -11.24 -15.36 11.95
C PRO B 175 -10.97 -15.42 13.45
N LEU B 176 -11.72 -16.25 14.17
CA LEU B 176 -11.45 -16.46 15.60
C LEU B 176 -10.98 -17.87 15.93
N LYS B 177 -10.10 -17.98 16.92
CA LYS B 177 -9.48 -19.24 17.27
C LYS B 177 -10.43 -20.09 18.10
N GLU B 178 -10.48 -21.39 17.82
CA GLU B 178 -11.39 -22.30 18.51
C GLU B 178 -10.97 -22.58 19.95
N GLN B 179 -9.70 -22.37 20.24
CA GLN B 179 -9.19 -22.41 21.62
C GLN B 179 -8.01 -21.45 21.77
N PRO B 180 -8.30 -20.19 22.12
CA PRO B 180 -7.35 -19.07 22.18
C PRO B 180 -6.12 -19.33 23.06
N ALA B 181 -6.19 -20.35 23.90
CA ALA B 181 -5.06 -20.75 24.73
C ALA B 181 -3.91 -21.30 23.89
N LEU B 182 -4.20 -22.35 23.12
CA LEU B 182 -3.20 -23.01 22.29
C LEU B 182 -2.63 -22.10 21.19
N ASN B 183 -1.30 -22.14 21.03
CA ASN B 183 -0.62 -21.36 20.00
C ASN B 183 -0.95 -21.83 18.59
N ASP B 184 -1.08 -23.14 18.42
CA ASP B 184 -1.48 -23.73 17.14
C ASP B 184 -2.94 -24.17 17.15
N SER B 185 -3.80 -23.33 17.69
CA SER B 185 -5.24 -23.56 17.66
C SER B 185 -5.77 -23.49 16.24
N ARG B 186 -6.86 -24.21 15.98
CA ARG B 186 -7.54 -24.09 14.70
C ARG B 186 -8.32 -22.78 14.64
N TYR B 187 -8.92 -22.51 13.50
CA TYR B 187 -9.67 -21.28 13.29
C TYR B 187 -11.11 -21.54 12.84
N ALA B 188 -11.97 -20.55 13.05
CA ALA B 188 -13.34 -20.59 12.56
C ALA B 188 -13.61 -19.29 11.84
N LEU B 189 -14.60 -19.29 10.96
CA LEU B 189 -14.92 -18.12 10.16
C LEU B 189 -16.39 -18.13 9.77
N SER B 190 -17.05 -16.99 9.85
CA SER B 190 -18.46 -16.92 9.48
C SER B 190 -18.74 -15.86 8.42
N SER B 191 -19.78 -16.10 7.63
CA SER B 191 -20.22 -15.13 6.63
C SER B 191 -21.75 -15.14 6.55
N ARG B 192 -22.34 -14.05 6.09
CA ARG B 192 -23.78 -13.98 5.93
C ARG B 192 -24.14 -13.50 4.52
N LEU B 193 -25.15 -14.12 3.93
CA LEU B 193 -25.74 -13.60 2.70
C LEU B 193 -27.21 -13.31 2.94
N ARG B 194 -27.63 -12.07 2.68
CA ARG B 194 -29.01 -11.68 2.86
C ARG B 194 -29.67 -11.41 1.51
N VAL B 195 -30.84 -12.01 1.28
CA VAL B 195 -31.57 -11.80 0.05
C VAL B 195 -33.03 -11.49 0.40
N SER B 196 -33.80 -11.05 -0.59
CA SER B 196 -35.22 -10.81 -0.36
C SER B 196 -35.88 -12.16 -0.07
N ALA B 197 -36.90 -12.16 0.78
CA ALA B 197 -37.56 -13.40 1.16
C ALA B 197 -38.23 -14.09 -0.03
N THR B 198 -38.76 -13.30 -0.96
CA THR B 198 -39.40 -13.82 -2.17
C THR B 198 -38.41 -14.57 -3.05
N PHE B 199 -37.13 -14.22 -2.91
CA PHE B 199 -36.06 -14.88 -3.66
C PHE B 199 -35.66 -16.20 -3.00
N TRP B 200 -35.60 -16.20 -1.67
CA TRP B 200 -35.25 -17.39 -0.92
C TRP B 200 -36.36 -18.47 -1.01
N GLN B 201 -37.60 -18.03 -1.18
CA GLN B 201 -38.73 -18.95 -1.22
C GLN B 201 -38.98 -19.58 -2.59
N ASN B 202 -38.10 -19.30 -3.55
CA ASN B 202 -38.17 -19.96 -4.85
C ASN B 202 -37.23 -21.16 -4.88
N PRO B 203 -37.79 -22.37 -4.99
CA PRO B 203 -37.01 -23.61 -4.99
C PRO B 203 -36.09 -23.75 -6.20
N ARG B 204 -36.17 -22.81 -7.12
CA ARG B 204 -35.33 -22.84 -8.31
C ARG B 204 -34.01 -22.11 -8.06
N ASN B 205 -33.93 -21.41 -6.94
CA ASN B 205 -32.74 -20.66 -6.57
C ASN B 205 -31.78 -21.49 -5.71
N HIS B 206 -30.50 -21.44 -6.07
CA HIS B 206 -29.50 -22.30 -5.46
C HIS B 206 -28.42 -21.45 -4.79
N PHE B 207 -28.14 -21.76 -3.53
CA PHE B 207 -27.21 -20.96 -2.74
C PHE B 207 -25.99 -21.78 -2.29
N ARG B 208 -24.80 -21.32 -2.67
CA ARG B 208 -23.56 -22.00 -2.35
C ARG B 208 -22.59 -21.12 -1.56
N CYS B 209 -22.15 -21.63 -0.42
CA CYS B 209 -21.05 -21.04 0.31
C CYS B 209 -19.79 -21.85 0.03
N GLN B 210 -18.84 -21.23 -0.67
CA GLN B 210 -17.63 -21.90 -1.10
C GLN B 210 -16.40 -21.36 -0.37
N VAL B 211 -15.59 -22.25 0.18
CA VAL B 211 -14.40 -21.86 0.94
C VAL B 211 -13.13 -22.44 0.33
N GLN B 212 -12.32 -21.59 -0.29
CA GLN B 212 -11.03 -21.98 -0.85
C GLN B 212 -10.00 -22.08 0.28
N PHE B 213 -9.43 -23.26 0.47
CA PHE B 213 -8.44 -23.48 1.51
C PHE B 213 -7.06 -23.64 0.89
N TYR B 214 -6.04 -23.06 1.52
CA TYR B 214 -4.65 -23.24 1.09
C TYR B 214 -3.86 -24.04 2.10
N GLY B 215 -3.50 -25.26 1.70
CA GLY B 215 -2.76 -26.17 2.54
C GLY B 215 -1.58 -26.78 1.81
N LEU B 216 -1.34 -28.06 2.09
CA LEU B 216 -0.17 -28.75 1.54
C LEU B 216 -0.24 -28.91 0.02
N SER B 217 0.94 -28.88 -0.60
CA SER B 217 1.08 -29.16 -2.02
C SER B 217 0.98 -30.67 -2.22
N GLU B 218 0.86 -31.10 -3.47
CA GLU B 218 0.72 -32.52 -3.79
C GLU B 218 2.07 -33.23 -3.70
N ASN B 219 3.13 -32.54 -4.15
CA ASN B 219 4.48 -33.09 -4.06
C ASN B 219 5.01 -33.14 -2.63
N ASP B 220 4.39 -32.37 -1.74
CA ASP B 220 4.81 -32.32 -0.33
C ASP B 220 4.68 -33.68 0.35
N GLU B 221 5.69 -34.04 1.14
CA GLU B 221 5.70 -35.30 1.87
C GLU B 221 4.67 -35.27 3.00
N TRP B 222 4.04 -36.41 3.24
CA TRP B 222 2.97 -36.53 4.23
C TRP B 222 2.95 -37.93 4.88
N THR B 223 3.02 -37.95 6.21
CA THR B 223 3.23 -39.16 7.00
C THR B 223 2.28 -39.29 8.19
N GLN B 224 0.99 -39.20 7.94
CA GLN B 224 -0.01 -39.36 8.98
C GLN B 224 -1.08 -40.31 8.47
N ASP B 225 -1.72 -41.06 9.36
CA ASP B 225 -2.86 -41.87 8.90
C ASP B 225 -4.19 -41.13 8.99
N ARG B 226 -4.49 -40.42 7.90
CA ARG B 226 -5.74 -39.68 7.72
C ARG B 226 -5.70 -38.97 6.40
N ALA B 227 -6.85 -38.42 6.01
CA ALA B 227 -6.94 -37.63 4.79
C ALA B 227 -5.99 -36.42 4.76
N LYS B 228 -5.20 -36.35 3.69
CA LYS B 228 -4.22 -35.29 3.52
C LYS B 228 -4.90 -33.94 3.38
N PRO B 229 -4.40 -32.93 4.12
CA PRO B 229 -4.94 -31.57 4.15
C PRO B 229 -4.36 -30.69 3.03
N VAL B 230 -4.67 -31.04 1.78
CA VAL B 230 -4.14 -30.30 0.64
C VAL B 230 -4.97 -29.05 0.34
N THR B 231 -4.46 -28.23 -0.55
CA THR B 231 -5.21 -27.08 -1.07
C THR B 231 -6.46 -27.62 -1.74
N GLN B 232 -7.62 -27.12 -1.33
CA GLN B 232 -8.89 -27.62 -1.83
C GLN B 232 -10.01 -26.60 -1.62
N ILE B 233 -11.14 -26.82 -2.30
CA ILE B 233 -12.31 -25.99 -2.06
C ILE B 233 -13.37 -26.81 -1.37
N VAL B 234 -13.70 -26.41 -0.14
CA VAL B 234 -14.76 -27.09 0.60
C VAL B 234 -16.03 -26.23 0.49
N SER B 235 -17.12 -26.85 0.05
CA SER B 235 -18.35 -26.11 -0.26
C SER B 235 -19.56 -26.65 0.50
N ALA B 236 -20.51 -25.75 0.79
CA ALA B 236 -21.79 -26.13 1.37
C ALA B 236 -22.91 -25.45 0.57
N GLU B 237 -24.12 -25.99 0.62
CA GLU B 237 -25.20 -25.48 -0.20
C GLU B 237 -26.55 -25.46 0.52
N ALA B 238 -27.51 -24.78 -0.09
CA ALA B 238 -28.89 -24.73 0.38
C ALA B 238 -29.79 -24.34 -0.78
N TRP B 239 -30.93 -25.02 -0.91
CA TRP B 239 -31.90 -24.70 -1.95
C TRP B 239 -33.03 -23.86 -1.39
N GLY B 240 -33.65 -23.07 -2.26
CA GLY B 240 -34.83 -22.32 -1.89
C GLY B 240 -35.98 -23.23 -1.50
N ARG B 241 -36.75 -22.81 -0.52
CA ARG B 241 -37.88 -23.59 -0.05
C ARG B 241 -39.06 -22.68 0.19
N ALA B 242 -40.17 -22.96 -0.51
CA ALA B 242 -41.39 -22.18 -0.36
C ALA B 242 -42.09 -22.48 0.97
N ASP B 243 -42.27 -23.77 1.26
CA ASP B 243 -42.96 -24.23 2.48
C ASP B 243 -44.37 -23.66 2.60
N PRO C 3 21.67 42.10 -7.61
CA PRO C 3 21.20 40.92 -8.33
C PRO C 3 22.24 39.82 -8.36
N HIS C 4 21.81 38.57 -8.21
CA HIS C 4 22.72 37.43 -8.15
C HIS C 4 22.14 36.17 -8.79
N SER C 5 22.99 35.19 -9.04
CA SER C 5 22.57 33.97 -9.70
C SER C 5 23.40 32.77 -9.26
N MET C 6 22.76 31.61 -9.23
CA MET C 6 23.46 30.36 -8.93
C MET C 6 23.10 29.30 -9.96
N ARG C 7 24.12 28.54 -10.40
CA ARG C 7 23.96 27.52 -11.45
C ARG C 7 24.66 26.18 -11.18
N TYR C 8 23.99 25.09 -11.54
CA TYR C 8 24.63 23.76 -11.57
C TYR C 8 24.50 23.12 -12.95
N TYR C 9 25.64 22.72 -13.50
CA TYR C 9 25.67 21.97 -14.74
C TYR C 9 26.16 20.56 -14.43
N GLU C 10 25.25 19.59 -14.58
CA GLU C 10 25.57 18.18 -14.36
C GLU C 10 25.51 17.44 -15.70
N THR C 11 26.64 16.88 -16.11
CA THR C 11 26.75 16.22 -17.40
C THR C 11 27.13 14.76 -17.20
N ALA C 12 26.56 13.88 -18.03
CA ALA C 12 26.92 12.47 -18.05
C ALA C 12 27.13 11.99 -19.47
N THR C 13 28.23 11.28 -19.70
CA THR C 13 28.49 10.71 -21.02
C THR C 13 28.63 9.19 -20.91
N SER C 14 27.77 8.47 -21.63
CA SER C 14 27.82 7.00 -21.59
C SER C 14 29.05 6.48 -22.32
N ARG C 15 29.64 5.42 -21.78
CA ARG C 15 30.79 4.79 -22.42
C ARG C 15 30.35 3.60 -23.24
N ARG C 16 31.01 3.37 -24.37
CA ARG C 16 30.60 2.31 -25.28
C ARG C 16 30.67 0.92 -24.65
N GLY C 17 29.62 0.13 -24.84
CA GLY C 17 29.55 -1.21 -24.32
C GLY C 17 29.63 -1.26 -22.80
N LEU C 18 30.47 -2.15 -22.29
CA LEU C 18 30.64 -2.34 -20.86
C LEU C 18 31.33 -1.13 -20.24
N GLY C 19 30.74 -0.59 -19.18
CA GLY C 19 31.29 0.57 -18.50
C GLY C 19 30.22 1.44 -17.87
N GLU C 20 30.66 2.37 -17.02
CA GLU C 20 29.77 3.30 -16.35
C GLU C 20 30.12 4.75 -16.70
N PRO C 21 29.09 5.55 -17.01
CA PRO C 21 29.19 6.91 -17.57
C PRO C 21 30.16 7.83 -16.85
N ARG C 22 30.71 8.80 -17.57
CA ARG C 22 31.51 9.84 -16.94
C ARG C 22 30.56 10.94 -16.47
N TYR C 23 30.54 11.15 -15.16
CA TYR C 23 29.69 12.18 -14.57
C TYR C 23 30.54 13.33 -14.07
N THR C 24 30.15 14.55 -14.42
CA THR C 24 30.77 15.74 -13.87
C THR C 24 29.69 16.71 -13.42
N SER C 25 29.96 17.42 -12.33
CA SER C 25 29.03 18.43 -11.84
C SER C 25 29.79 19.70 -11.47
N VAL C 26 29.34 20.84 -11.97
CA VAL C 26 30.00 22.10 -11.62
C VAL C 26 29.01 23.18 -11.18
N GLY C 27 29.40 23.94 -10.16
CA GLY C 27 28.59 25.01 -9.63
C GLY C 27 29.18 26.39 -9.91
N TYR C 28 28.31 27.36 -10.19
CA TYR C 28 28.71 28.72 -10.48
C TYR C 28 27.91 29.70 -9.65
N VAL C 29 28.60 30.51 -8.86
CA VAL C 29 27.96 31.65 -8.23
C VAL C 29 28.35 32.91 -9.00
N ASP C 30 27.34 33.66 -9.46
CA ASP C 30 27.55 34.85 -10.30
C ASP C 30 28.45 34.57 -11.51
N ASP C 31 28.25 33.41 -12.12
CA ASP C 31 29.02 32.95 -13.28
C ASP C 31 30.51 32.75 -12.96
N LYS C 32 30.80 32.40 -11.71
CA LYS C 32 32.14 32.00 -11.32
C LYS C 32 32.10 30.62 -10.67
N GLU C 33 32.80 29.66 -11.28
CA GLU C 33 32.90 28.29 -10.78
C GLU C 33 33.48 28.23 -9.37
N PHE C 34 32.71 27.66 -8.44
CA PHE C 34 33.13 27.59 -7.04
C PHE C 34 33.24 26.17 -6.53
N VAL C 35 32.77 25.22 -7.33
CA VAL C 35 32.79 23.82 -6.92
C VAL C 35 32.81 22.87 -8.12
N ARG C 36 33.41 21.70 -7.94
CA ARG C 36 33.51 20.73 -9.04
C ARG C 36 33.58 19.27 -8.58
N PHE C 37 32.85 18.41 -9.31
CA PHE C 37 32.87 16.97 -9.11
C PHE C 37 33.21 16.26 -10.42
N ASP C 38 34.01 15.20 -10.32
CA ASP C 38 34.34 14.39 -11.47
C ASP C 38 34.47 12.91 -11.06
N SER C 39 33.83 12.03 -11.83
CA SER C 39 33.85 10.60 -11.52
C SER C 39 35.17 9.93 -11.90
N ASP C 40 35.84 10.48 -12.91
CA ASP C 40 37.12 9.95 -13.39
C ASP C 40 38.24 10.08 -12.38
N ALA C 41 38.13 11.08 -11.50
CA ALA C 41 39.11 11.32 -10.46
C ALA C 41 39.42 10.05 -9.67
N GLU C 42 40.68 9.92 -9.27
CA GLU C 42 41.17 8.79 -8.49
C GLU C 42 40.31 8.52 -7.24
N ASN C 43 39.89 9.60 -6.59
CA ASN C 43 38.96 9.54 -5.48
C ASN C 43 37.90 10.61 -5.68
N PRO C 44 36.86 10.29 -6.47
CA PRO C 44 35.83 11.26 -6.86
C PRO C 44 35.09 11.87 -5.66
N ARG C 45 35.26 13.17 -5.50
CA ARG C 45 34.58 13.93 -4.47
C ARG C 45 34.28 15.33 -4.99
N TYR C 46 33.52 16.10 -4.22
CA TYR C 46 33.31 17.50 -4.54
C TYR C 46 34.45 18.33 -3.95
N GLU C 47 35.12 19.10 -4.80
CA GLU C 47 36.21 19.96 -4.33
C GLU C 47 35.97 21.42 -4.74
N PRO C 48 36.41 22.37 -3.88
CA PRO C 48 36.24 23.80 -4.16
C PRO C 48 37.20 24.30 -5.23
N GLN C 49 36.72 25.19 -6.09
CA GLN C 49 37.50 25.74 -7.18
C GLN C 49 37.75 27.22 -6.93
N VAL C 50 37.59 27.63 -5.68
CA VAL C 50 37.71 29.03 -5.30
C VAL C 50 38.06 29.12 -3.80
N PRO C 51 38.97 30.04 -3.44
CA PRO C 51 39.43 30.30 -2.07
C PRO C 51 38.38 30.16 -0.95
N TRP C 52 37.29 30.92 -1.01
CA TRP C 52 36.32 30.97 0.10
C TRP C 52 35.64 29.64 0.46
N MET C 53 35.21 28.90 -0.54
CA MET C 53 34.54 27.62 -0.31
C MET C 53 35.34 26.63 0.55
N GLU C 54 36.64 26.90 0.72
CA GLU C 54 37.50 26.07 1.56
C GLU C 54 37.10 26.12 3.03
N GLN C 55 36.43 27.20 3.44
CA GLN C 55 36.07 27.39 4.84
C GLN C 55 34.80 26.63 5.26
N GLU C 56 34.34 25.72 4.41
CA GLU C 56 33.18 24.89 4.72
C GLU C 56 33.63 23.57 5.35
N GLY C 57 32.96 23.18 6.43
CA GLY C 57 33.29 21.95 7.14
C GLY C 57 33.16 20.69 6.29
N PRO C 58 34.05 19.72 6.53
CA PRO C 58 34.12 18.41 5.86
C PRO C 58 32.77 17.76 5.58
N GLU C 59 31.85 17.81 6.54
CA GLU C 59 30.55 17.16 6.42
C GLU C 59 29.71 17.75 5.28
N TYR C 60 29.91 19.04 5.00
CA TYR C 60 29.30 19.68 3.85
C TYR C 60 29.71 18.96 2.57
N TRP C 61 31.03 18.80 2.41
CA TRP C 61 31.59 18.13 1.26
C TRP C 61 31.16 16.67 1.17
N GLU C 62 31.11 15.99 2.30
CA GLU C 62 30.68 14.59 2.33
C GLU C 62 29.24 14.47 1.85
N ARG C 63 28.38 15.34 2.39
CA ARG C 63 26.97 15.38 2.03
C ARG C 63 26.74 15.61 0.54
N ILE C 64 27.25 16.73 0.02
CA ILE C 64 27.05 17.01 -1.40
C ILE C 64 27.73 15.94 -2.29
N THR C 65 28.81 15.34 -1.81
CA THR C 65 29.45 14.23 -2.52
C THR C 65 28.48 13.06 -2.62
N GLN C 66 27.75 12.81 -1.53
CA GLN C 66 26.70 11.78 -1.53
C GLN C 66 25.64 12.09 -2.58
N ILE C 67 25.20 13.35 -2.61
CA ILE C 67 24.26 13.80 -3.65
C ILE C 67 24.77 13.48 -5.06
N ALA C 68 26.03 13.78 -5.31
CA ALA C 68 26.68 13.44 -6.58
C ALA C 68 26.62 11.93 -6.84
N LYS C 69 26.92 11.14 -5.80
CA LYS C 69 26.90 9.68 -5.90
C LYS C 69 25.52 9.12 -6.26
N GLY C 70 24.46 9.82 -5.89
CA GLY C 70 23.13 9.43 -6.33
C GLY C 70 22.82 9.88 -7.75
N GLN C 71 23.18 11.12 -8.02
CA GLN C 71 23.02 11.69 -9.35
C GLN C 71 23.66 10.83 -10.44
N GLU C 72 24.82 10.23 -10.14
CA GLU C 72 25.43 9.27 -11.06
C GLU C 72 24.41 8.21 -11.51
N GLN C 73 23.88 7.47 -10.54
CA GLN C 73 22.88 6.45 -10.82
C GLN C 73 21.75 7.00 -11.67
N TRP C 74 21.21 8.16 -11.25
CA TRP C 74 20.12 8.78 -12.00
C TRP C 74 20.47 8.93 -13.47
N PHE C 75 21.64 9.50 -13.73
CA PHE C 75 22.10 9.75 -15.09
C PHE C 75 22.28 8.47 -15.90
N ARG C 76 22.88 7.45 -15.29
CA ARG C 76 23.06 6.16 -15.97
C ARG C 76 21.71 5.60 -16.45
N VAL C 77 20.79 5.46 -15.51
CA VAL C 77 19.47 4.91 -15.81
C VAL C 77 18.72 5.76 -16.85
N ASN C 78 18.67 7.07 -16.66
CA ASN C 78 17.91 7.90 -17.59
C ASN C 78 18.55 8.02 -18.98
N LEU C 79 19.86 7.85 -19.04
CA LEU C 79 20.54 7.63 -20.31
C LEU C 79 19.90 6.41 -20.98
N ARG C 80 19.85 5.28 -20.27
CA ARG C 80 19.17 4.09 -20.83
C ARG C 80 17.75 4.40 -21.34
N THR C 81 16.98 5.13 -20.54
CA THR C 81 15.62 5.52 -20.92
C THR C 81 15.53 6.31 -22.23
N LEU C 82 16.31 7.38 -22.31
CA LEU C 82 16.33 8.22 -23.50
C LEU C 82 16.83 7.45 -24.71
N LEU C 83 17.75 6.51 -24.48
CA LEU C 83 18.22 5.63 -25.56
C LEU C 83 17.03 4.85 -26.12
N GLY C 84 16.19 4.35 -25.22
CA GLY C 84 14.96 3.68 -25.61
C GLY C 84 13.94 4.54 -26.37
N TYR C 85 13.67 5.74 -25.86
CA TYR C 85 12.70 6.62 -26.51
C TYR C 85 13.04 6.92 -27.97
N TYR C 86 14.32 7.08 -28.26
CA TYR C 86 14.74 7.51 -29.58
C TYR C 86 15.03 6.34 -30.52
N ASN C 87 14.84 5.12 -30.01
CA ASN C 87 15.06 3.91 -30.79
C ASN C 87 16.49 3.86 -31.33
N GLN C 88 17.47 3.98 -30.44
CA GLN C 88 18.88 4.03 -30.85
C GLN C 88 19.66 2.75 -30.48
N SER C 89 20.63 2.39 -31.31
CA SER C 89 21.49 1.24 -31.04
C SER C 89 22.25 1.43 -29.73
N ALA C 90 22.39 0.36 -28.97
CA ALA C 90 22.99 0.44 -27.63
C ALA C 90 24.51 0.48 -27.66
N GLY C 91 25.07 0.60 -28.86
CA GLY C 91 26.50 0.81 -29.00
C GLY C 91 26.90 2.28 -28.93
N GLY C 92 25.94 3.17 -29.17
CA GLY C 92 26.22 4.58 -29.26
C GLY C 92 26.68 5.25 -27.98
N THR C 93 27.59 6.21 -28.11
CA THR C 93 27.97 7.06 -26.99
C THR C 93 27.04 8.27 -26.94
N HIS C 94 26.43 8.52 -25.78
CA HIS C 94 25.45 9.60 -25.63
C HIS C 94 25.69 10.49 -24.40
N THR C 95 25.23 11.73 -24.50
CA THR C 95 25.44 12.75 -23.47
C THR C 95 24.11 13.30 -22.96
N LEU C 96 23.92 13.28 -21.65
CA LEU C 96 22.73 13.86 -21.05
C LEU C 96 23.16 14.91 -20.04
N GLN C 97 22.60 16.12 -20.15
CA GLN C 97 22.95 17.21 -19.25
C GLN C 97 21.74 17.84 -18.59
N TRP C 98 21.90 18.16 -17.31
CA TRP C 98 20.90 18.84 -16.49
C TRP C 98 21.50 20.16 -16.01
N MET C 99 20.89 21.28 -16.38
CA MET C 99 21.28 22.59 -15.88
C MET C 99 20.15 23.13 -15.01
N TYR C 100 20.49 23.59 -13.81
CA TYR C 100 19.46 24.13 -12.93
C TYR C 100 19.99 25.19 -12.00
N GLY C 101 19.16 26.17 -11.65
CA GLY C 101 19.62 27.25 -10.80
C GLY C 101 18.58 28.30 -10.50
N CYS C 102 19.03 29.41 -9.93
CA CYS C 102 18.11 30.47 -9.53
C CYS C 102 18.71 31.86 -9.69
N ASP C 103 17.91 32.77 -10.23
CA ASP C 103 18.23 34.19 -10.22
C ASP C 103 17.51 34.84 -9.05
N VAL C 104 18.32 35.45 -8.17
CA VAL C 104 17.82 36.11 -6.98
C VAL C 104 17.98 37.63 -7.12
N GLY C 105 16.93 38.37 -6.83
CA GLY C 105 16.95 39.82 -6.93
C GLY C 105 17.87 40.52 -5.95
N SER C 106 17.84 41.85 -5.98
CA SER C 106 18.72 42.67 -5.15
C SER C 106 18.52 42.40 -3.66
N ASP C 107 17.27 42.39 -3.22
CA ASP C 107 16.92 42.16 -1.82
C ASP C 107 17.27 40.75 -1.34
N GLY C 108 16.85 39.76 -2.10
CA GLY C 108 17.09 38.37 -1.74
C GLY C 108 15.97 37.44 -2.17
N ARG C 109 14.91 38.01 -2.74
CA ARG C 109 13.76 37.23 -3.19
C ARG C 109 14.14 36.43 -4.45
N LEU C 110 13.41 35.35 -4.70
CA LEU C 110 13.59 34.59 -5.94
C LEU C 110 13.02 35.37 -7.12
N LEU C 111 13.81 35.52 -8.18
CA LEU C 111 13.41 36.30 -9.34
C LEU C 111 13.18 35.43 -10.58
N ARG C 112 13.97 34.38 -10.71
CA ARG C 112 13.74 33.40 -11.77
C ARG C 112 14.25 32.02 -11.37
N GLY C 113 13.60 30.97 -11.88
CA GLY C 113 14.02 29.62 -11.62
C GLY C 113 14.38 28.89 -12.89
N TYR C 114 15.30 27.93 -12.79
CA TYR C 114 15.77 27.22 -13.98
C TYR C 114 15.89 25.72 -13.73
N GLU C 115 15.22 24.94 -14.57
CA GLU C 115 15.35 23.50 -14.57
C GLU C 115 15.26 23.05 -16.03
N GLN C 116 16.39 22.67 -16.62
CA GLN C 116 16.37 22.21 -18.02
C GLN C 116 17.31 21.04 -18.33
N PHE C 117 16.90 20.22 -19.29
CA PHE C 117 17.61 19.02 -19.65
C PHE C 117 17.87 19.01 -21.16
N ALA C 118 19.09 18.64 -21.53
CA ALA C 118 19.46 18.46 -22.93
C ALA C 118 20.02 17.05 -23.18
N TYR C 119 19.77 16.53 -24.38
CA TYR C 119 20.21 15.19 -24.73
C TYR C 119 21.03 15.23 -26.02
N ASP C 120 22.26 14.73 -25.92
CA ASP C 120 23.19 14.74 -27.03
C ASP C 120 23.33 16.11 -27.66
N GLY C 121 23.49 17.14 -26.82
CA GLY C 121 23.71 18.48 -27.33
C GLY C 121 22.46 19.29 -27.59
N CYS C 122 21.39 18.63 -28.02
CA CYS C 122 20.12 19.32 -28.28
C CYS C 122 19.23 19.43 -27.02
N ASP C 123 18.46 20.49 -26.93
CA ASP C 123 17.55 20.71 -25.80
C ASP C 123 16.44 19.67 -25.77
N TYR C 124 16.23 19.04 -24.62
CA TYR C 124 15.23 18.00 -24.47
C TYR C 124 13.96 18.55 -23.84
N ILE C 125 14.05 19.00 -22.58
CA ILE C 125 12.86 19.50 -21.90
C ILE C 125 13.21 20.57 -20.87
N ALA C 126 12.47 21.68 -20.87
CA ALA C 126 12.79 22.78 -19.97
C ALA C 126 11.59 23.35 -19.22
N LEU C 127 11.74 23.49 -17.89
CA LEU C 127 10.73 24.11 -17.06
C LEU C 127 10.55 25.58 -17.44
N ASN C 128 9.30 25.96 -17.71
CA ASN C 128 8.95 27.34 -18.09
C ASN C 128 9.07 28.34 -16.94
N GLU C 129 8.97 29.62 -17.29
CA GLU C 129 9.08 30.75 -16.36
C GLU C 129 8.05 30.74 -15.23
N ASP C 130 6.85 30.19 -15.50
CA ASP C 130 5.80 30.12 -14.48
C ASP C 130 6.12 29.05 -13.45
N LEU C 131 7.09 28.20 -13.79
CA LEU C 131 7.62 27.16 -12.91
C LEU C 131 6.63 26.02 -12.65
N ARG C 132 5.60 25.90 -13.48
CA ARG C 132 4.65 24.79 -13.37
C ARG C 132 4.37 24.12 -14.71
N THR C 133 4.86 24.72 -15.79
CA THR C 133 4.64 24.17 -17.12
C THR C 133 5.98 23.79 -17.73
N TRP C 134 5.99 22.74 -18.54
CA TRP C 134 7.21 22.34 -19.24
C TRP C 134 7.13 22.66 -20.72
N THR C 135 8.29 22.68 -21.36
CA THR C 135 8.39 22.80 -22.82
C THR C 135 9.19 21.61 -23.33
N ALA C 136 8.64 20.92 -24.32
CA ALA C 136 9.28 19.72 -24.88
C ALA C 136 9.61 19.87 -26.37
N ALA C 137 10.87 19.59 -26.72
CA ALA C 137 11.37 19.83 -28.06
C ALA C 137 10.77 18.87 -29.11
N ASP C 138 10.75 17.58 -28.79
CA ASP C 138 10.21 16.58 -29.70
C ASP C 138 9.13 15.70 -29.05
N MET C 139 8.99 14.47 -29.55
CA MET C 139 7.91 13.58 -29.13
C MET C 139 8.30 12.64 -27.98
N ALA C 140 9.60 12.44 -27.77
CA ALA C 140 10.08 11.69 -26.62
C ALA C 140 10.01 12.61 -25.41
N ALA C 141 10.34 13.86 -25.67
CA ALA C 141 10.25 14.87 -24.64
C ALA C 141 8.78 15.07 -24.31
N GLN C 142 7.90 14.73 -25.25
CA GLN C 142 6.45 14.78 -25.01
C GLN C 142 6.02 13.69 -24.02
N ILE C 143 6.67 12.53 -24.11
CA ILE C 143 6.48 11.45 -23.15
C ILE C 143 6.96 11.89 -21.76
N THR C 144 8.21 12.35 -21.68
CA THR C 144 8.75 12.84 -20.40
C THR C 144 7.88 13.95 -19.79
N ARG C 145 7.43 14.86 -20.66
CA ARG C 145 6.56 15.95 -20.25
C ARG C 145 5.27 15.39 -19.67
N ARG C 146 4.66 14.40 -20.34
CA ARG C 146 3.41 13.85 -19.84
C ARG C 146 3.60 13.21 -18.46
N LYS C 147 4.63 12.38 -18.36
CA LYS C 147 4.94 11.71 -17.10
C LYS C 147 5.17 12.71 -15.98
N TRP C 148 5.83 13.82 -16.29
CA TRP C 148 6.15 14.83 -15.29
C TRP C 148 4.97 15.77 -14.96
N GLU C 149 4.03 15.92 -15.89
CA GLU C 149 2.80 16.65 -15.63
C GLU C 149 1.98 15.80 -14.66
N GLN C 150 1.98 14.48 -14.87
CA GLN C 150 1.23 13.55 -14.03
C GLN C 150 1.82 13.38 -12.62
N ALA C 151 3.13 13.22 -12.51
CA ALA C 151 3.77 13.07 -11.20
C ALA C 151 4.02 14.40 -10.48
N GLY C 152 3.86 15.51 -11.21
CA GLY C 152 4.08 16.83 -10.65
C GLY C 152 5.52 17.09 -10.27
N ALA C 153 6.42 17.04 -11.25
CA ALA C 153 7.83 17.22 -10.98
C ALA C 153 8.14 18.69 -10.75
N ALA C 154 7.36 19.56 -11.38
CA ALA C 154 7.51 21.01 -11.19
C ALA C 154 7.44 21.37 -9.72
N GLU C 155 6.50 20.79 -8.98
CA GLU C 155 6.36 21.05 -7.54
C GLU C 155 7.62 20.61 -6.79
N TYR C 156 8.08 19.41 -7.09
CA TYR C 156 9.31 18.87 -6.52
C TYR C 156 10.52 19.79 -6.73
N TYR C 157 10.67 20.35 -7.93
CA TYR C 157 11.83 21.19 -8.21
C TYR C 157 11.65 22.57 -7.60
N ARG C 158 10.40 23.02 -7.54
CA ARG C 158 10.09 24.29 -6.92
C ARG C 158 10.44 24.25 -5.44
N ALA C 159 10.37 23.07 -4.83
CA ALA C 159 10.85 22.91 -3.45
C ALA C 159 12.30 23.38 -3.29
N TYR C 160 13.12 23.13 -4.31
CA TYR C 160 14.52 23.51 -4.28
C TYR C 160 14.71 24.97 -4.70
N LEU C 161 14.10 25.34 -5.83
CA LEU C 161 14.27 26.68 -6.39
C LEU C 161 13.83 27.78 -5.44
N GLU C 162 12.78 27.52 -4.67
CA GLU C 162 12.20 28.48 -3.75
C GLU C 162 12.81 28.34 -2.35
N GLY C 163 13.41 27.18 -2.08
CA GLY C 163 13.99 26.89 -0.79
C GLY C 163 15.50 26.91 -0.73
N GLU C 164 16.12 25.73 -0.85
CA GLU C 164 17.57 25.59 -0.71
C GLU C 164 18.39 26.49 -1.62
N CYS C 165 17.92 26.70 -2.85
CA CYS C 165 18.67 27.49 -3.83
C CYS C 165 18.93 28.93 -3.35
N VAL C 166 17.87 29.63 -3.01
CA VAL C 166 17.98 31.02 -2.53
C VAL C 166 18.85 31.12 -1.26
N GLU C 167 18.53 30.30 -0.26
CA GLU C 167 19.22 30.31 1.03
C GLU C 167 20.72 30.01 0.90
N TRP C 168 21.04 28.93 0.20
CA TRP C 168 22.43 28.57 -0.02
C TRP C 168 23.18 29.58 -0.89
N LEU C 169 22.48 30.21 -1.83
CA LEU C 169 23.09 31.28 -2.60
C LEU C 169 23.48 32.43 -1.69
N HIS C 170 22.58 32.80 -0.78
CA HIS C 170 22.86 33.85 0.19
C HIS C 170 24.06 33.49 1.06
N ARG C 171 24.11 32.23 1.53
CA ARG C 171 25.24 31.78 2.34
C ARG C 171 26.55 31.79 1.56
N TYR C 172 26.49 31.47 0.28
CA TYR C 172 27.70 31.46 -0.55
C TYR C 172 28.17 32.89 -0.81
N LEU C 173 27.24 33.82 -0.80
CA LEU C 173 27.58 35.24 -0.94
C LEU C 173 28.09 35.81 0.38
N LYS C 174 27.72 35.19 1.48
CA LYS C 174 28.20 35.58 2.81
C LYS C 174 29.72 35.44 2.91
N ASN C 175 30.30 34.60 2.06
CA ASN C 175 31.74 34.37 2.08
C ASN C 175 32.50 35.13 0.98
N GLY C 176 31.92 36.24 0.52
CA GLY C 176 32.57 37.09 -0.46
C GLY C 176 32.72 38.53 0.00
N VAL D 1 24.43 24.23 -2.56
CA VAL D 1 24.28 22.77 -2.66
C VAL D 1 23.55 22.35 -3.93
N PRO D 2 23.94 21.20 -4.48
CA PRO D 2 23.25 20.66 -5.66
C PRO D 2 21.95 19.96 -5.26
N TYR D 3 21.09 19.68 -6.24
CA TYR D 3 19.82 18.99 -6.01
C TYR D 3 19.89 17.55 -6.52
N MET D 4 18.79 16.82 -6.39
CA MET D 4 18.65 15.49 -6.94
C MET D 4 17.43 15.42 -7.86
N ALA D 5 17.65 14.95 -9.09
CA ALA D 5 16.60 14.90 -10.11
C ALA D 5 15.48 13.90 -9.80
N GLU D 6 15.86 12.72 -9.32
CA GLU D 6 14.91 11.71 -8.85
C GLU D 6 13.92 11.19 -9.90
N PHE D 7 13.11 12.07 -10.50
CA PHE D 7 12.10 11.65 -11.48
C PHE D 7 12.70 10.96 -12.71
N GLY D 8 12.18 9.79 -13.04
CA GLY D 8 12.59 9.11 -14.25
C GLY D 8 11.99 9.79 -15.47
N MET D 9 12.79 9.95 -16.52
CA MET D 9 12.30 10.58 -17.74
C MET D 9 11.36 9.63 -18.48
#